data_1YWF
#
_entry.id   1YWF
#
_cell.length_a   113.068
_cell.length_b   113.068
_cell.length_c   53.292
_cell.angle_alpha   90.00
_cell.angle_beta   90.00
_cell.angle_gamma   90.00
#
_symmetry.space_group_name_H-M   'I 41'
#
loop_
_entity.id
_entity.type
_entity.pdbx_description
1 polymer 'PHOSPHOTYROSINE PROTEIN PHOSPHATASE PTPB'
2 non-polymer 'PHOSPHATE ION'
3 water water
#
_entity_poly.entity_id   1
_entity_poly.type   'polypeptide(L)'
_entity_poly.pdbx_seq_one_letter_code
;MGSSHHHHHHSSGLVPRGSHMAVRELPGAWNFRDVADTATALRPGRLFRSSELSRLDDAGRATLRRLGITDVADLRSSRE
VARRGPGRVPDGIDVHLLPFPDLADDDADDSAPHETAFKRLLTNDGSNGESGESSQSINDAATRYMTDEYRQFPTRNGAQ
RALHRVVTLLAAGRPVLTHCFAGKDRTGFVVALVLEAVGLDRDVIVADYLRSNDSVPQLRARISEMIQQRFDTELAPEVV
TFTKARLSDGVLGVRAEYLAAARQTIDETYGSLGGYLRDAGISQATVNRMRGVLLG
;
_entity_poly.pdbx_strand_id   A
#
# COMPACT_ATOMS: atom_id res chain seq x y z
N ARG A 24 4.00 -2.34 17.30
CA ARG A 24 2.64 -1.75 17.22
C ARG A 24 2.62 -0.45 16.41
N GLU A 25 3.45 0.53 16.81
CA GLU A 25 3.43 1.91 16.29
C GLU A 25 4.67 2.32 15.50
N LEU A 26 4.46 3.27 14.60
CA LEU A 26 5.52 3.86 13.77
C LEU A 26 5.33 5.37 13.85
N PRO A 27 5.88 6.01 14.89
CA PRO A 27 5.54 7.42 15.15
C PRO A 27 5.78 8.39 14.01
N GLY A 28 4.73 9.15 13.68
CA GLY A 28 4.67 10.07 12.56
C GLY A 28 3.99 9.50 11.32
N ALA A 29 3.76 8.19 11.36
CA ALA A 29 2.97 7.51 10.33
C ALA A 29 1.77 6.80 10.98
N TRP A 30 0.89 6.26 10.15
CA TRP A 30 -0.28 5.57 10.66
C TRP A 30 -0.57 4.35 9.75
N ASN A 31 -1.53 3.55 10.17
CA ASN A 31 -1.92 2.34 9.38
C ASN A 31 -0.72 1.42 9.15
N PHE A 32 0.12 1.29 10.16
CA PHE A 32 1.33 0.49 10.10
C PHE A 32 1.18 -0.90 10.71
N ARG A 33 1.66 -1.90 10.00
CA ARG A 33 1.71 -3.25 10.55
C ARG A 33 2.68 -4.10 9.77
N ASP A 34 3.19 -5.11 10.47
CA ASP A 34 3.82 -6.24 9.83
C ASP A 34 2.67 -7.12 9.27
N VAL A 35 2.83 -7.59 8.06
CA VAL A 35 1.78 -8.40 7.46
C VAL A 35 1.69 -9.70 8.20
N ALA A 36 2.81 -10.12 8.80
CA ALA A 36 2.87 -11.37 9.58
C ALA A 36 2.08 -11.28 10.88
N ASP A 37 1.73 -10.07 11.32
CA ASP A 37 0.85 -9.94 12.49
C ASP A 37 -0.49 -10.59 12.20
N THR A 38 -0.91 -10.62 10.94
CA THR A 38 -2.17 -11.20 10.55
C THR A 38 -1.95 -12.57 9.93
N ALA A 39 -1.08 -12.63 8.93
CA ALA A 39 -0.81 -13.85 8.16
C ALA A 39 0.28 -14.56 8.92
N THR A 40 -0.13 -15.40 9.86
CA THR A 40 0.80 -15.95 10.81
C THR A 40 1.69 -17.06 10.23
N ALA A 41 1.43 -17.48 8.99
CA ALA A 41 2.35 -18.39 8.30
C ALA A 41 3.59 -17.67 7.76
N LEU A 42 3.55 -16.33 7.69
CA LEU A 42 4.73 -15.56 7.31
C LEU A 42 5.71 -15.45 8.45
N ARG A 43 6.98 -15.44 8.12
CA ARG A 43 8.03 -15.01 9.01
C ARG A 43 7.83 -13.54 9.33
N PRO A 44 7.89 -13.18 10.60
CA PRO A 44 7.87 -11.77 11.00
C PRO A 44 9.11 -11.01 10.54
N GLY A 45 8.95 -9.71 10.35
CA GLY A 45 10.04 -8.81 10.00
C GLY A 45 10.45 -8.73 8.55
N ARG A 46 9.65 -9.30 7.65
CA ARG A 46 9.97 -9.34 6.22
C ARG A 46 9.18 -8.32 5.38
N LEU A 47 7.87 -8.23 5.63
CA LEU A 47 7.01 -7.36 4.85
C LEU A 47 6.11 -6.53 5.74
N PHE A 48 6.35 -5.25 5.71
CA PHE A 48 5.63 -4.28 6.48
C PHE A 48 4.89 -3.38 5.48
N ARG A 49 3.94 -2.66 6.04
CA ARG A 49 3.11 -1.73 5.30
C ARG A 49 2.66 -0.59 6.20
N SER A 50 2.43 0.56 5.56
CA SER A 50 2.02 1.74 6.28
C SER A 50 1.51 2.83 5.36
N SER A 51 1.09 3.91 6.01
CA SER A 51 0.90 5.18 5.36
C SER A 51 2.24 5.75 4.88
N GLU A 52 2.17 6.89 4.22
CA GLU A 52 3.37 7.60 3.92
C GLU A 52 4.20 7.92 5.19
N LEU A 53 5.47 8.17 4.90
CA LEU A 53 6.49 8.33 5.90
C LEU A 53 7.02 9.77 5.91
N SER A 54 6.30 10.68 5.26
CA SER A 54 6.75 12.07 5.09
C SER A 54 6.78 12.89 6.39
N ARG A 55 6.24 12.34 7.48
CA ARG A 55 6.24 13.03 8.77
C ARG A 55 6.72 12.09 9.87
N LEU A 56 7.45 11.08 9.46
CA LEU A 56 8.10 10.22 10.41
C LEU A 56 8.91 11.14 11.32
N ASP A 57 8.91 10.84 12.61
CA ASP A 57 9.78 11.59 13.55
C ASP A 57 10.99 10.79 14.02
N ASP A 58 11.73 11.28 15.01
CA ASP A 58 12.92 10.57 15.48
C ASP A 58 12.57 9.18 15.96
N ALA A 59 11.47 9.06 16.70
CA ALA A 59 11.04 7.77 17.23
C ALA A 59 10.63 6.84 16.08
N GLY A 60 10.01 7.39 15.06
CA GLY A 60 9.70 6.60 13.86
C GLY A 60 10.93 6.08 13.13
N ARG A 61 11.94 6.92 12.99
CA ARG A 61 13.15 6.52 12.30
C ARG A 61 13.81 5.40 13.08
N ALA A 62 13.76 5.51 14.41
CA ALA A 62 14.38 4.50 15.27
C ALA A 62 13.62 3.20 15.23
N THR A 63 12.29 3.31 15.12
CA THR A 63 11.48 2.11 14.97
C THR A 63 11.88 1.36 13.70
N LEU A 64 12.13 2.07 12.59
CA LEU A 64 12.49 1.41 11.33
C LEU A 64 13.84 0.69 11.45
N ARG A 65 14.80 1.31 12.16
CA ARG A 65 16.11 0.73 12.36
C ARG A 65 16.04 -0.52 13.22
N ARG A 66 15.25 -0.42 14.29
CA ARG A 66 15.00 -1.50 15.22
C ARG A 66 14.39 -2.73 14.53
N LEU A 67 13.44 -2.49 13.65
CA LEU A 67 12.78 -3.56 12.89
C LEU A 67 13.64 -4.14 11.77
N GLY A 68 14.75 -3.49 11.45
CA GLY A 68 15.65 -3.98 10.44
C GLY A 68 15.22 -3.76 9.01
N ILE A 69 14.31 -2.81 8.79
CA ILE A 69 13.87 -2.49 7.44
C ILE A 69 15.00 -1.80 6.67
N THR A 70 15.34 -2.34 5.51
CA THR A 70 16.41 -1.80 4.66
C THR A 70 15.91 -1.13 3.41
N ASP A 71 14.65 -1.39 3.05
CA ASP A 71 14.12 -0.92 1.80
C ASP A 71 12.68 -0.48 1.99
N VAL A 72 12.34 0.59 1.32
CA VAL A 72 11.00 1.14 1.30
C VAL A 72 10.54 1.26 -0.13
N ALA A 73 9.33 0.80 -0.39
CA ALA A 73 8.71 0.95 -1.66
C ALA A 73 7.67 2.05 -1.54
N ASP A 74 7.98 3.20 -2.13
CA ASP A 74 7.12 4.41 -2.09
C ASP A 74 6.29 4.51 -3.39
N LEU A 75 5.04 4.10 -3.27
CA LEU A 75 4.10 3.94 -4.38
C LEU A 75 3.37 5.23 -4.67
N ARG A 76 3.68 6.30 -3.95
CA ARG A 76 2.99 7.57 -4.20
C ARG A 76 3.27 8.11 -5.60
N SER A 77 2.28 8.82 -6.16
CA SER A 77 2.48 9.53 -7.42
C SER A 77 3.51 10.64 -7.25
N SER A 78 4.18 11.06 -8.33
CA SER A 78 5.18 12.08 -8.11
C SER A 78 4.53 13.42 -7.64
N ARG A 79 3.29 13.71 -7.98
CA ARG A 79 2.62 14.88 -7.40
C ARG A 79 2.58 14.75 -5.87
N GLU A 80 2.18 13.58 -5.39
CA GLU A 80 2.06 13.35 -3.96
C GLU A 80 3.43 13.53 -3.29
N VAL A 81 4.47 12.98 -3.90
CA VAL A 81 5.78 13.11 -3.33
C VAL A 81 6.24 14.57 -3.34
N ALA A 82 5.89 15.29 -4.40
CA ALA A 82 6.30 16.69 -4.53
C ALA A 82 5.71 17.50 -3.36
N ARG A 83 4.43 17.26 -3.07
CA ARG A 83 3.71 18.06 -2.08
C ARG A 83 3.99 17.66 -0.65
N ARG A 84 3.91 16.35 -0.40
CA ARG A 84 4.07 15.84 0.92
C ARG A 84 5.52 15.69 1.32
N GLY A 85 6.42 15.67 0.33
CA GLY A 85 7.83 15.45 0.58
C GLY A 85 8.28 13.99 0.61
N PRO A 86 9.60 13.76 0.56
CA PRO A 86 10.16 12.42 0.71
C PRO A 86 9.94 11.80 2.09
N GLY A 87 9.92 10.49 2.12
CA GLY A 87 9.91 9.78 3.35
C GLY A 87 11.12 10.17 4.18
N ARG A 88 10.86 10.49 5.45
CA ARG A 88 11.90 10.96 6.36
C ARG A 88 12.54 9.79 7.08
N VAL A 89 13.23 8.96 6.29
CA VAL A 89 13.75 7.71 6.78
C VAL A 89 15.14 7.92 7.35
N PRO A 90 15.56 7.02 8.22
CA PRO A 90 16.96 7.06 8.65
C PRO A 90 17.89 6.65 7.54
N ASP A 91 19.17 6.88 7.77
CA ASP A 91 20.21 6.47 6.82
C ASP A 91 20.37 4.97 6.92
N GLY A 92 20.79 4.37 5.81
CA GLY A 92 20.83 2.93 5.70
C GLY A 92 19.56 2.32 5.10
N ILE A 93 18.53 3.15 4.82
CA ILE A 93 17.31 2.66 4.15
C ILE A 93 17.18 3.24 2.76
N ASP A 94 17.11 2.35 1.79
CA ASP A 94 16.95 2.71 0.39
C ASP A 94 15.46 2.84 0.11
N VAL A 95 15.05 4.04 -0.30
CA VAL A 95 13.68 4.37 -0.67
C VAL A 95 13.58 4.28 -2.19
N HIS A 96 12.76 3.35 -2.67
CA HIS A 96 12.56 3.12 -4.06
C HIS A 96 11.27 3.83 -4.46
N LEU A 97 11.39 4.83 -5.34
CA LEU A 97 10.25 5.56 -5.89
C LEU A 97 9.60 4.75 -6.99
N LEU A 98 8.38 4.31 -6.71
CA LEU A 98 7.62 3.45 -7.59
C LEU A 98 6.23 4.00 -7.80
N PRO A 99 6.12 5.13 -8.52
CA PRO A 99 4.85 5.87 -8.57
C PRO A 99 3.72 5.03 -9.13
N PHE A 100 2.58 5.11 -8.46
CA PHE A 100 1.41 4.36 -8.83
C PHE A 100 0.33 5.43 -8.76
N PRO A 101 -0.35 5.69 -9.87
CA PRO A 101 -1.37 6.76 -9.91
C PRO A 101 -2.37 6.74 -8.74
N ASP A 102 -2.57 7.90 -8.14
CA ASP A 102 -3.43 7.98 -6.96
C ASP A 102 -4.91 7.89 -7.29
N LEU A 103 -5.75 7.91 -6.25
CA LEU A 103 -7.19 7.65 -6.41
C LEU A 103 -8.03 8.92 -6.58
N ALA A 104 -7.36 10.03 -6.90
CA ALA A 104 -8.02 11.32 -7.14
C ALA A 104 -8.50 11.46 -8.60
N ASP A 105 -9.37 12.45 -8.84
CA ASP A 105 -9.90 12.77 -10.19
C ASP A 105 -8.83 13.28 -11.17
N SER A 137 -29.00 9.06 2.27
CA SER A 137 -27.58 9.30 2.02
C SER A 137 -26.99 8.23 1.10
N ILE A 138 -26.66 8.64 -0.12
CA ILE A 138 -25.96 7.76 -1.05
C ILE A 138 -24.47 8.04 -1.05
N ASN A 139 -23.77 7.39 -0.11
CA ASN A 139 -22.34 7.09 -0.28
C ASN A 139 -22.25 5.63 -0.71
N ASP A 140 -23.16 5.25 -1.59
CA ASP A 140 -23.01 4.10 -2.47
C ASP A 140 -22.24 4.66 -3.67
N ALA A 141 -22.22 5.99 -3.77
CA ALA A 141 -21.46 6.71 -4.76
C ALA A 141 -19.95 6.60 -4.50
N ALA A 142 -19.58 6.61 -3.23
CA ALA A 142 -18.19 6.40 -2.83
C ALA A 142 -17.78 4.97 -3.14
N THR A 143 -18.66 4.03 -2.80
CA THR A 143 -18.43 2.62 -3.08
C THR A 143 -18.22 2.33 -4.57
N ARG A 144 -19.05 2.92 -5.41
CA ARG A 144 -18.93 2.80 -6.87
C ARG A 144 -17.62 3.37 -7.35
N TYR A 145 -17.30 4.56 -6.87
CA TYR A 145 -16.11 5.27 -7.30
C TYR A 145 -14.85 4.46 -6.95
N MET A 146 -14.79 4.01 -5.70
CA MET A 146 -13.65 3.25 -5.19
C MET A 146 -13.51 1.93 -5.90
N THR A 147 -14.63 1.25 -6.14
CA THR A 147 -14.60 -0.02 -6.82
C THR A 147 -13.98 0.18 -8.21
N ASP A 148 -14.39 1.25 -8.89
CA ASP A 148 -13.93 1.55 -10.24
C ASP A 148 -12.44 1.91 -10.30
N GLU A 149 -11.96 2.57 -9.24
CA GLU A 149 -10.55 2.89 -9.10
C GLU A 149 -9.74 1.57 -9.03
N TYR A 150 -10.17 0.63 -8.17
CA TYR A 150 -9.50 -0.66 -8.00
C TYR A 150 -9.54 -1.48 -9.27
N ARG A 151 -10.69 -1.43 -9.92
CA ARG A 151 -10.87 -2.09 -11.20
C ARG A 151 -9.74 -1.73 -12.20
N GLN A 152 -9.30 -0.48 -12.19
CA GLN A 152 -8.25 0.01 -13.07
C GLN A 152 -6.81 -0.20 -12.58
N PHE A 153 -6.64 -0.61 -11.32
CA PHE A 153 -5.30 -0.77 -10.74
C PHE A 153 -4.35 -1.60 -11.58
N PRO A 154 -4.75 -2.78 -12.03
CA PRO A 154 -3.80 -3.69 -12.69
C PRO A 154 -3.15 -3.10 -13.93
N THR A 155 -3.90 -2.28 -14.68
CA THR A 155 -3.38 -1.69 -15.92
C THR A 155 -2.83 -0.28 -15.75
N ARG A 156 -2.89 0.30 -14.54
CA ARG A 156 -2.32 1.63 -14.36
C ARG A 156 -0.86 1.63 -14.70
N ASN A 157 -0.40 2.72 -15.29
CA ASN A 157 1.01 2.91 -15.54
C ASN A 157 1.79 2.96 -14.24
N GLY A 158 2.72 2.03 -14.05
CA GLY A 158 3.48 1.90 -12.82
C GLY A 158 3.07 0.77 -11.88
N ALA A 159 1.89 0.19 -12.05
CA ALA A 159 1.43 -0.89 -11.14
C ALA A 159 2.30 -2.14 -11.26
N GLN A 160 2.53 -2.59 -12.48
CA GLN A 160 3.44 -3.72 -12.71
C GLN A 160 4.83 -3.40 -12.25
N ARG A 161 5.35 -2.22 -12.56
CA ARG A 161 6.67 -1.82 -12.07
C ARG A 161 6.79 -1.89 -10.56
N ALA A 162 5.77 -1.38 -9.85
CA ALA A 162 5.83 -1.42 -8.38
C ALA A 162 5.82 -2.87 -7.85
N LEU A 163 4.93 -3.70 -8.38
CA LEU A 163 4.86 -5.10 -7.97
C LEU A 163 6.17 -5.83 -8.27
N HIS A 164 6.74 -5.60 -9.45
CA HIS A 164 8.00 -6.19 -9.83
C HIS A 164 9.08 -5.84 -8.82
N ARG A 165 9.19 -4.56 -8.43
CA ARG A 165 10.27 -4.18 -7.55
C ARG A 165 10.04 -4.73 -6.15
N VAL A 166 8.79 -4.70 -5.64
CA VAL A 166 8.54 -5.22 -4.31
C VAL A 166 8.92 -6.72 -4.22
N VAL A 167 8.52 -7.47 -5.21
CA VAL A 167 8.75 -8.92 -5.25
C VAL A 167 10.23 -9.20 -5.37
N THR A 168 10.89 -8.47 -6.26
CA THR A 168 12.32 -8.65 -6.44
C THR A 168 13.10 -8.40 -5.13
N LEU A 169 12.75 -7.34 -4.40
CA LEU A 169 13.37 -7.04 -3.11
C LEU A 169 13.11 -8.11 -2.09
N LEU A 170 11.85 -8.56 -1.97
CA LEU A 170 11.56 -9.60 -1.01
C LEU A 170 12.29 -10.91 -1.30
N ALA A 171 12.32 -11.30 -2.54
CA ALA A 171 12.98 -12.52 -2.99
C ALA A 171 14.49 -12.49 -2.71
N ALA A 172 15.06 -11.29 -2.70
CA ALA A 172 16.47 -11.07 -2.32
C ALA A 172 16.71 -11.06 -0.82
N GLY A 173 15.67 -11.23 -0.02
CA GLY A 173 15.84 -11.33 1.42
C GLY A 173 15.90 -10.00 2.12
N ARG A 174 15.46 -8.95 1.44
CA ARG A 174 15.42 -7.61 2.01
C ARG A 174 14.08 -7.41 2.74
N PRO A 175 14.13 -7.03 4.02
CA PRO A 175 12.93 -6.54 4.73
C PRO A 175 12.49 -5.22 4.11
N VAL A 176 11.23 -5.21 3.68
CA VAL A 176 10.68 -4.13 2.91
C VAL A 176 9.42 -3.57 3.60
N LEU A 177 9.32 -2.25 3.62
CA LEU A 177 8.08 -1.57 3.99
C LEU A 177 7.52 -0.96 2.72
N THR A 178 6.29 -1.36 2.39
CA THR A 178 5.57 -0.78 1.27
C THR A 178 4.51 0.23 1.77
N HIS A 179 4.41 1.37 1.09
CA HIS A 179 3.44 2.40 1.48
C HIS A 179 3.05 3.17 0.27
N CYS A 180 1.91 3.85 0.39
CA CYS A 180 1.50 4.84 -0.57
C CYS A 180 1.18 6.12 0.25
N PHE A 181 0.00 6.68 0.09
CA PHE A 181 -0.42 7.81 0.93
C PHE A 181 -1.14 7.31 2.17
N ALA A 182 -2.35 6.77 2.03
CA ALA A 182 -3.06 6.21 3.19
C ALA A 182 -2.68 4.76 3.57
N GLY A 183 -1.92 4.11 2.70
CA GLY A 183 -1.45 2.75 2.97
C GLY A 183 -2.52 1.67 2.89
N LYS A 184 -3.64 1.98 2.24
CA LYS A 184 -4.80 1.10 2.25
C LYS A 184 -5.21 0.57 0.86
N ASP A 185 -5.12 1.37 -0.19
CA ASP A 185 -5.59 0.99 -1.50
C ASP A 185 -4.50 0.49 -2.43
N ARG A 186 -3.67 1.39 -2.92
CA ARG A 186 -2.51 0.96 -3.72
C ARG A 186 -1.68 -0.06 -2.94
N THR A 187 -1.31 0.29 -1.72
CA THR A 187 -0.56 -0.64 -0.89
C THR A 187 -1.30 -1.94 -0.67
N GLY A 188 -2.61 -1.84 -0.44
CA GLY A 188 -3.40 -3.04 -0.18
C GLY A 188 -3.40 -3.96 -1.42
N PHE A 189 -3.49 -3.38 -2.60
CA PHE A 189 -3.38 -4.15 -3.87
C PHE A 189 -2.06 -4.88 -4.02
N VAL A 190 -0.96 -4.15 -3.89
CA VAL A 190 0.36 -4.76 -4.04
C VAL A 190 0.57 -5.84 -3.03
N VAL A 191 0.29 -5.56 -1.75
CA VAL A 191 0.46 -6.57 -0.69
C VAL A 191 -0.35 -7.85 -0.94
N ALA A 192 -1.59 -7.67 -1.37
CA ALA A 192 -2.47 -8.78 -1.62
C ALA A 192 -1.94 -9.68 -2.72
N LEU A 193 -1.35 -9.11 -3.76
CA LEU A 193 -0.78 -9.92 -4.83
C LEU A 193 0.47 -10.65 -4.38
N VAL A 194 1.30 -9.97 -3.59
CA VAL A 194 2.47 -10.63 -2.97
C VAL A 194 2.04 -11.87 -2.18
N LEU A 195 1.06 -11.69 -1.30
CA LEU A 195 0.58 -12.78 -0.46
C LEU A 195 0.00 -13.92 -1.28
N GLU A 196 -0.79 -13.58 -2.30
CA GLU A 196 -1.35 -14.63 -3.14
C GLU A 196 -0.24 -15.38 -3.88
N ALA A 197 0.78 -14.65 -4.35
CA ALA A 197 1.91 -15.25 -5.07
C ALA A 197 2.68 -16.27 -4.23
N VAL A 198 2.70 -16.11 -2.91
CA VAL A 198 3.38 -17.10 -2.05
C VAL A 198 2.42 -18.15 -1.50
N GLY A 199 1.17 -18.14 -1.99
CA GLY A 199 0.24 -19.23 -1.73
C GLY A 199 -0.75 -19.08 -0.59
N LEU A 200 -0.86 -17.89 -0.01
CA LEU A 200 -1.84 -17.64 1.04
C LEU A 200 -3.29 -17.62 0.55
N ASP A 201 -4.18 -18.09 1.42
CA ASP A 201 -5.59 -18.15 1.11
C ASP A 201 -6.19 -16.75 1.13
N ARG A 202 -7.26 -16.58 0.35
CA ARG A 202 -7.96 -15.33 0.25
C ARG A 202 -8.36 -14.78 1.62
N ASP A 203 -8.81 -15.64 2.52
CA ASP A 203 -9.36 -15.12 3.76
C ASP A 203 -8.26 -14.45 4.60
N VAL A 204 -7.06 -14.99 4.55
CA VAL A 204 -5.94 -14.42 5.27
C VAL A 204 -5.50 -13.07 4.65
N ILE A 205 -5.42 -13.03 3.33
CA ILE A 205 -5.11 -11.82 2.58
C ILE A 205 -6.14 -10.72 2.91
N VAL A 206 -7.41 -11.07 2.85
CA VAL A 206 -8.47 -10.11 3.14
C VAL A 206 -8.45 -9.63 4.60
N ALA A 207 -8.09 -10.50 5.54
CA ALA A 207 -7.98 -10.16 6.94
C ALA A 207 -6.98 -9.00 7.12
N ASP A 208 -5.86 -9.13 6.44
CA ASP A 208 -4.82 -8.11 6.56
C ASP A 208 -5.20 -6.84 5.82
N TYR A 209 -5.83 -6.98 4.66
CA TYR A 209 -6.29 -5.87 3.88
C TYR A 209 -7.30 -5.04 4.68
N LEU A 210 -8.20 -5.74 5.35
CA LEU A 210 -9.28 -5.02 6.05
C LEU A 210 -8.78 -4.36 7.32
N ARG A 211 -7.58 -4.67 7.81
CA ARG A 211 -7.02 -3.99 8.99
C ARG A 211 -6.91 -2.49 8.80
N SER A 212 -6.94 -2.01 7.55
CA SER A 212 -6.88 -0.57 7.28
C SER A 212 -8.13 0.16 7.78
N ASN A 213 -9.23 -0.57 7.93
CA ASN A 213 -10.39 0.02 8.57
C ASN A 213 -10.17 0.47 9.98
N ASP A 214 -9.26 -0.18 10.71
CA ASP A 214 -8.99 0.23 12.08
C ASP A 214 -8.33 1.61 12.17
N SER A 215 -7.71 2.02 11.07
CA SER A 215 -6.97 3.30 10.99
C SER A 215 -7.81 4.47 10.48
N VAL A 216 -9.09 4.25 10.23
CA VAL A 216 -9.92 5.28 9.62
C VAL A 216 -10.01 6.52 10.52
N PRO A 217 -10.21 6.38 11.83
CA PRO A 217 -10.19 7.58 12.69
C PRO A 217 -8.88 8.37 12.63
N GLN A 218 -7.74 7.67 12.57
CA GLN A 218 -6.45 8.31 12.48
C GLN A 218 -6.28 9.00 11.14
N LEU A 219 -6.70 8.37 10.04
CA LEU A 219 -6.66 9.02 8.74
C LEU A 219 -7.53 10.29 8.72
N ARG A 220 -8.75 10.21 9.26
CA ARG A 220 -9.58 11.37 9.37
C ARG A 220 -8.90 12.50 10.12
N ALA A 221 -8.23 12.21 11.25
CA ALA A 221 -7.52 13.24 12.03
C ALA A 221 -6.37 13.80 11.20
N ARG A 222 -5.67 12.93 10.48
CA ARG A 222 -4.55 13.39 9.67
C ARG A 222 -5.03 14.33 8.57
N ILE A 223 -6.17 14.01 7.97
CA ILE A 223 -6.70 14.84 6.88
C ILE A 223 -7.10 16.21 7.42
N SER A 224 -7.71 16.24 8.60
CA SER A 224 -8.12 17.52 9.17
C SER A 224 -6.93 18.39 9.46
N GLU A 225 -5.83 17.78 9.92
CA GLU A 225 -4.59 18.48 10.18
C GLU A 225 -3.93 18.99 8.87
N MET A 226 -4.00 18.19 7.81
CA MET A 226 -3.49 18.62 6.50
C MET A 226 -4.24 19.82 5.98
N ILE A 227 -5.56 19.82 6.17
CA ILE A 227 -6.42 20.91 5.73
C ILE A 227 -6.10 22.19 6.49
N GLN A 228 -5.85 22.06 7.79
CA GLN A 228 -5.43 23.18 8.62
C GLN A 228 -4.10 23.77 8.14
N GLN A 229 -3.20 22.89 7.66
CA GLN A 229 -1.93 23.29 7.16
C GLN A 229 -1.88 23.54 5.65
N ARG A 230 -3.03 23.73 5.00
CA ARG A 230 -3.09 23.74 3.54
C ARG A 230 -2.37 24.94 2.91
N PHE A 231 -2.11 25.98 3.69
CA PHE A 231 -1.33 27.12 3.18
C PHE A 231 0.17 26.96 3.39
N ASP A 232 0.56 25.97 4.18
CA ASP A 232 1.96 25.67 4.46
C ASP A 232 2.48 24.55 3.52
N THR A 233 1.56 23.64 3.21
CA THR A 233 1.81 22.39 2.44
C THR A 233 0.60 22.09 1.60
N GLU A 234 0.79 21.96 0.29
CA GLU A 234 -0.29 21.66 -0.61
C GLU A 234 -0.87 20.31 -0.32
N LEU A 235 -2.16 20.20 -0.54
CA LEU A 235 -2.91 19.01 -0.20
C LEU A 235 -2.63 17.94 -1.21
N ALA A 236 -2.51 16.70 -0.74
CA ALA A 236 -2.38 15.59 -1.67
C ALA A 236 -3.72 15.48 -2.41
N PRO A 237 -3.69 15.16 -3.69
CA PRO A 237 -4.94 15.11 -4.45
C PRO A 237 -6.02 14.18 -3.90
N GLU A 238 -5.63 13.10 -3.21
CA GLU A 238 -6.64 12.23 -2.63
C GLU A 238 -7.44 12.91 -1.54
N VAL A 239 -6.79 13.81 -0.79
CA VAL A 239 -7.48 14.56 0.27
C VAL A 239 -8.67 15.32 -0.33
N VAL A 240 -8.43 15.96 -1.48
CA VAL A 240 -9.49 16.72 -2.14
C VAL A 240 -10.65 15.81 -2.54
N THR A 241 -10.34 14.69 -3.16
CA THR A 241 -11.38 13.75 -3.56
C THR A 241 -12.08 13.15 -2.36
N PHE A 242 -11.34 12.78 -1.30
CA PHE A 242 -11.98 12.19 -0.14
C PHE A 242 -12.89 13.20 0.57
N THR A 243 -12.45 14.45 0.60
CA THR A 243 -13.25 15.55 1.15
C THR A 243 -14.54 15.76 0.37
N LYS A 244 -14.48 15.75 -0.96
CA LYS A 244 -15.69 15.82 -1.78
C LYS A 244 -16.63 14.68 -1.45
N ALA A 245 -16.08 13.50 -1.22
CA ALA A 245 -16.91 12.32 -0.95
C ALA A 245 -17.47 12.36 0.46
N ARG A 246 -17.27 13.50 1.13
CA ARG A 246 -17.82 13.80 2.46
C ARG A 246 -17.21 12.88 3.48
N LEU A 247 -15.87 12.76 3.39
CA LEU A 247 -15.03 11.88 4.18
C LEU A 247 -15.74 10.63 4.67
N SER A 248 -16.48 10.01 3.75
CA SER A 248 -17.14 8.71 3.87
C SER A 248 -16.22 7.62 4.48
N ASP A 249 -16.80 6.66 5.18
CA ASP A 249 -16.05 5.45 5.57
C ASP A 249 -15.74 4.64 4.31
N GLY A 250 -16.55 4.80 3.27
CA GLY A 250 -16.34 4.16 1.99
C GLY A 250 -15.12 4.65 1.21
N VAL A 251 -14.72 5.91 1.40
CA VAL A 251 -13.46 6.42 0.81
C VAL A 251 -12.28 6.39 1.79
N LEU A 252 -12.55 6.51 3.08
CA LEU A 252 -11.47 6.49 4.07
C LEU A 252 -11.06 5.09 4.49
N GLY A 253 -11.97 4.12 4.32
CA GLY A 253 -11.76 2.73 4.65
C GLY A 253 -11.56 1.87 3.40
N VAL A 254 -11.79 0.58 3.56
CA VAL A 254 -11.66 -0.39 2.50
C VAL A 254 -12.75 -1.43 2.69
N ARG A 255 -13.01 -2.16 1.62
CA ARG A 255 -14.00 -3.23 1.61
C ARG A 255 -13.52 -4.36 0.73
N ALA A 256 -13.89 -5.59 1.05
CA ALA A 256 -13.38 -6.75 0.28
C ALA A 256 -13.77 -6.64 -1.23
N GLU A 257 -14.89 -5.97 -1.52
CA GLU A 257 -15.38 -5.79 -2.89
C GLU A 257 -14.42 -4.98 -3.77
N TYR A 258 -13.73 -4.02 -3.15
CA TYR A 258 -12.73 -3.23 -3.87
C TYR A 258 -11.59 -4.13 -4.37
N LEU A 259 -10.99 -4.85 -3.44
CA LEU A 259 -9.84 -5.73 -3.78
C LEU A 259 -10.27 -6.81 -4.78
N ALA A 260 -11.50 -7.31 -4.62
CA ALA A 260 -12.03 -8.35 -5.52
C ALA A 260 -12.25 -7.84 -6.95
N ALA A 261 -12.58 -6.56 -7.09
CA ALA A 261 -12.69 -5.92 -8.40
C ALA A 261 -11.35 -5.88 -9.13
N ALA A 262 -10.30 -5.49 -8.42
CA ALA A 262 -8.96 -5.47 -9.01
C ALA A 262 -8.52 -6.87 -9.43
N ARG A 263 -8.84 -7.84 -8.60
CA ARG A 263 -8.39 -9.18 -8.78
C ARG A 263 -9.10 -9.82 -9.98
N GLN A 264 -10.38 -9.49 -10.12
CA GLN A 264 -11.18 -9.95 -11.26
C GLN A 264 -10.61 -9.40 -12.56
N THR A 265 -10.24 -8.13 -12.56
CA THR A 265 -9.64 -7.49 -13.73
C THR A 265 -8.32 -8.15 -14.16
N ILE A 266 -7.52 -8.61 -13.19
CA ILE A 266 -6.33 -9.36 -13.53
C ILE A 266 -6.70 -10.62 -14.33
N ASP A 267 -7.70 -11.36 -13.88
CA ASP A 267 -8.08 -12.58 -14.60
C ASP A 267 -8.62 -12.25 -16.00
N GLU A 268 -9.40 -11.18 -16.07
CA GLU A 268 -10.04 -10.81 -17.34
C GLU A 268 -9.05 -10.30 -18.34
N THR A 269 -8.02 -9.61 -17.87
CA THR A 269 -7.05 -8.99 -18.76
C THR A 269 -5.83 -9.84 -19.06
N TYR A 270 -5.34 -10.58 -18.07
CA TYR A 270 -4.08 -11.32 -18.17
C TYR A 270 -4.28 -12.83 -18.09
N GLY A 271 -5.53 -13.25 -17.91
CA GLY A 271 -5.89 -14.63 -17.78
C GLY A 271 -5.85 -15.22 -16.39
N SER A 272 -4.84 -14.82 -15.62
CA SER A 272 -4.63 -15.32 -14.28
C SER A 272 -3.60 -14.42 -13.60
N LEU A 273 -3.41 -14.64 -12.30
CA LEU A 273 -2.36 -13.92 -11.56
C LEU A 273 -0.99 -14.30 -12.13
N GLY A 274 -0.78 -15.58 -12.43
CA GLY A 274 0.47 -16.01 -13.02
C GLY A 274 0.78 -15.26 -14.30
N GLY A 275 -0.24 -15.02 -15.12
CA GLY A 275 -0.03 -14.33 -16.36
C GLY A 275 0.31 -12.86 -16.12
N TYR A 276 -0.29 -12.28 -15.09
CA TYR A 276 0.03 -10.92 -14.67
C TYR A 276 1.46 -10.82 -14.17
N LEU A 277 1.83 -11.75 -13.29
CA LEU A 277 3.21 -11.77 -12.78
C LEU A 277 4.21 -11.93 -13.90
N ARG A 278 3.94 -12.87 -14.80
CA ARG A 278 4.85 -13.05 -15.95
C ARG A 278 4.98 -11.78 -16.77
N ASP A 279 3.84 -11.13 -17.07
CA ASP A 279 3.85 -9.89 -17.85
C ASP A 279 4.61 -8.79 -17.10
N ALA A 280 4.64 -8.87 -15.77
CA ALA A 280 5.35 -7.91 -14.94
C ALA A 280 6.79 -8.25 -14.71
N GLY A 281 7.33 -9.17 -15.52
CA GLY A 281 8.74 -9.54 -15.40
C GLY A 281 9.12 -10.36 -14.19
N ILE A 282 8.14 -11.04 -13.58
CA ILE A 282 8.37 -11.81 -12.39
C ILE A 282 8.40 -13.30 -12.76
N SER A 283 9.57 -13.91 -12.61
CA SER A 283 9.70 -15.33 -12.97
C SER A 283 9.17 -16.25 -11.88
N GLN A 284 8.94 -17.53 -12.20
CA GLN A 284 8.63 -18.53 -11.18
C GLN A 284 9.81 -18.74 -10.24
N ALA A 285 11.05 -18.63 -10.74
CA ALA A 285 12.25 -18.72 -9.90
C ALA A 285 12.20 -17.64 -8.79
N THR A 286 11.82 -16.45 -9.19
CA THR A 286 11.72 -15.34 -8.24
C THR A 286 10.60 -15.58 -7.25
N VAL A 287 9.43 -15.99 -7.73
CA VAL A 287 8.34 -16.36 -6.82
C VAL A 287 8.76 -17.42 -5.81
N ASN A 288 9.45 -18.46 -6.27
CA ASN A 288 9.91 -19.52 -5.42
C ASN A 288 10.84 -19.04 -4.32
N ARG A 289 11.74 -18.13 -4.66
CA ARG A 289 12.70 -17.58 -3.74
C ARG A 289 11.95 -16.75 -2.71
N MET A 290 11.01 -15.94 -3.20
CA MET A 290 10.15 -15.14 -2.34
C MET A 290 9.35 -15.97 -1.35
N ARG A 291 8.80 -17.09 -1.79
CA ARG A 291 8.09 -18.03 -0.92
C ARG A 291 9.02 -18.59 0.17
N GLY A 292 10.23 -18.97 -0.21
CA GLY A 292 11.20 -19.42 0.78
C GLY A 292 11.61 -18.38 1.81
N VAL A 293 11.75 -17.12 1.39
CA VAL A 293 12.08 -16.03 2.28
C VAL A 293 10.92 -15.68 3.22
N LEU A 294 9.71 -15.67 2.69
CA LEU A 294 8.55 -15.21 3.47
C LEU A 294 7.93 -16.26 4.36
N LEU A 295 7.92 -17.53 3.94
CA LEU A 295 7.20 -18.58 4.69
C LEU A 295 8.12 -19.40 5.61
#